data_6RL1
#
_entry.id   6RL1
#
_cell.length_a   96.088
_cell.length_b   120.230
_cell.length_c   39.474
_cell.angle_alpha   90.00
_cell.angle_beta   90.00
_cell.angle_gamma   90.00
#
_symmetry.space_group_name_H-M   'P 21 21 21'
#
loop_
_entity.id
_entity.type
_entity.pdbx_description
1 polymer 'Arabino-oligosaccharids-binding protein'
2 branched alpha-L-arabinofuranose-(1-5)-alpha-L-arabinofuranose-(1-5)-alpha-L-arabinofuranose
3 non-polymer GLYCEROL
4 non-polymer 'CALCIUM ION'
5 water water
#
_entity_poly.entity_id   1
_entity_poly.type   'polypeptide(L)'
_entity_poly.pdbx_seq_one_letter_code
;HHHHHHNGNGEKIELTFMFRGQPQEQTAYKNVVKKFEEKHPNVKVNIVVTSPDQYATKLRAAIAGRKIPDVFYFNPGELR
AYVNSNVLLDITKYVENSKGVNLQDIWEKGVNKYRFDGEKVGQGNLYGLPKDLGPFALGYNKTMFEKAGIPLPDKDKPYT
WQEFIDVCKKLTKDTNGDGKLDQWGTGLNATWTLQGFVWSNGADWIDESKTKVTVDDPKFIEALQFFADMQNKYKVTPSI
AEAQTLDTYQRWLRGQLGFFPVGPWDLAAFDQQIKFEYDLIPWPAGSTGKPATWVGSLGIGVSSMTKHPKEAVELALYLS
ADPEGQKALVDQRVQLPNSVKVAEEWAKDPSIKPANKQEFLDIINDYGHSFPTEYTYNGEWYDEFYRNLQPVLDGKMSAE
EYVKKAKPKMQKLLDQAIEQEKQASKK
;
_entity_poly.pdbx_strand_id   A
#
# COMPACT_ATOMS: atom_id res chain seq x y z
N LYS A 12 -24.12 -20.01 18.03
CA LYS A 12 -24.79 -19.17 19.01
C LYS A 12 -24.16 -17.77 19.09
N ILE A 13 -22.89 -17.67 18.71
CA ILE A 13 -22.20 -16.38 18.76
C ILE A 13 -22.08 -15.76 17.38
N GLU A 14 -22.41 -14.48 17.28
CA GLU A 14 -22.34 -13.75 16.02
C GLU A 14 -21.32 -12.62 16.10
N LEU A 15 -20.42 -12.58 15.12
CA LEU A 15 -19.42 -11.52 15.02
C LEU A 15 -19.67 -10.75 13.75
N THR A 16 -19.44 -9.44 13.78
CA THR A 16 -19.45 -8.65 12.56
C THR A 16 -18.01 -8.37 12.14
N PHE A 17 -17.65 -8.71 10.92
CA PHE A 17 -16.31 -8.50 10.38
C PHE A 17 -16.38 -7.49 9.25
N MET A 18 -15.79 -6.32 9.47
CA MET A 18 -15.81 -5.27 8.46
C MET A 18 -14.43 -5.14 7.81
N PHE A 19 -14.40 -5.15 6.48
CA PHE A 19 -13.10 -5.01 5.80
C PHE A 19 -13.25 -4.44 4.39
N ARG A 20 -12.13 -4.34 3.69
CA ARG A 20 -12.10 -3.77 2.36
C ARG A 20 -11.22 -4.62 1.46
N GLY A 21 -11.50 -4.58 0.17
CA GLY A 21 -10.63 -5.27 -0.77
C GLY A 21 -11.12 -5.11 -2.18
N GLN A 22 -10.20 -5.30 -3.13
CA GLN A 22 -10.56 -5.47 -4.54
C GLN A 22 -11.33 -6.80 -4.68
N PRO A 23 -12.02 -7.01 -5.81
CA PRO A 23 -12.85 -8.22 -5.92
C PRO A 23 -12.14 -9.52 -5.53
N GLN A 24 -10.91 -9.73 -5.98
CA GLN A 24 -10.19 -10.96 -5.68
C GLN A 24 -9.89 -11.10 -4.18
N GLU A 25 -9.71 -9.97 -3.51
CA GLU A 25 -9.42 -10.00 -2.09
C GLU A 25 -10.68 -10.33 -1.30
N GLN A 26 -11.80 -9.78 -1.76
CA GLN A 26 -13.08 -10.02 -1.10
C GLN A 26 -13.36 -11.51 -1.11
N THR A 27 -13.22 -12.12 -2.29
CA THR A 27 -13.46 -13.55 -2.47
C THR A 27 -12.54 -14.37 -1.59
N ALA A 28 -11.25 -14.03 -1.57
CA ALA A 28 -10.29 -14.80 -0.79
C ALA A 28 -10.58 -14.74 0.72
N TYR A 29 -10.85 -13.54 1.23
CA TYR A 29 -11.13 -13.41 2.66
C TYR A 29 -12.47 -14.04 3.05
N LYS A 30 -13.46 -13.94 2.17
CA LYS A 30 -14.74 -14.59 2.43
C LYS A 30 -14.54 -16.11 2.52
N ASN A 31 -13.70 -16.66 1.64
CA ASN A 31 -13.39 -18.08 1.70
C ASN A 31 -12.72 -18.46 3.01
N VAL A 32 -11.79 -17.63 3.46
CA VAL A 32 -11.04 -17.94 4.67
C VAL A 32 -11.91 -17.78 5.91
N VAL A 33 -12.87 -16.86 5.86
CA VAL A 33 -13.80 -16.70 6.97
C VAL A 33 -14.65 -17.97 7.10
N LYS A 34 -15.05 -18.53 5.96
CA LYS A 34 -15.81 -19.78 5.96
C LYS A 34 -14.99 -20.90 6.60
N LYS A 35 -13.68 -20.91 6.35
CA LYS A 35 -12.80 -21.90 6.97
C LYS A 35 -12.77 -21.72 8.48
N PHE A 36 -12.80 -20.46 8.91
CA PHE A 36 -12.87 -20.15 10.33
C PHE A 36 -14.15 -20.70 10.92
N GLU A 37 -15.25 -20.57 10.18
CA GLU A 37 -16.55 -20.97 10.67
C GLU A 37 -16.67 -22.50 10.74
N GLU A 38 -16.00 -23.19 9.83
CA GLU A 38 -15.91 -24.65 9.90
C GLU A 38 -15.15 -25.11 11.15
N LYS A 39 -14.07 -24.38 11.47
CA LYS A 39 -13.22 -24.71 12.61
C LYS A 39 -13.89 -24.34 13.93
N HIS A 40 -14.69 -23.28 13.89
CA HIS A 40 -15.43 -22.84 15.08
C HIS A 40 -16.92 -22.80 14.78
N PRO A 41 -17.58 -23.98 14.78
CA PRO A 41 -18.98 -24.09 14.36
C PRO A 41 -19.98 -23.31 15.22
N ASN A 42 -19.55 -22.83 16.39
CA ASN A 42 -20.45 -22.05 17.21
C ASN A 42 -20.32 -20.54 16.97
N VAL A 43 -19.44 -20.16 16.05
CA VAL A 43 -19.29 -18.74 15.70
C VAL A 43 -19.75 -18.45 14.27
N LYS A 44 -20.64 -17.47 14.13
CA LYS A 44 -21.09 -17.04 12.81
C LYS A 44 -20.54 -15.64 12.54
N VAL A 45 -19.96 -15.46 11.37
CA VAL A 45 -19.35 -14.18 11.02
C VAL A 45 -20.14 -13.45 9.94
N ASN A 46 -20.69 -12.30 10.30
CA ASN A 46 -21.45 -11.49 9.37
C ASN A 46 -20.56 -10.43 8.73
N ILE A 47 -20.50 -10.45 7.41
CA ILE A 47 -19.50 -9.64 6.71
C ILE A 47 -20.05 -8.31 6.22
N VAL A 48 -19.27 -7.26 6.47
CA VAL A 48 -19.45 -5.96 5.84
C VAL A 48 -18.19 -5.67 5.06
N VAL A 49 -18.29 -5.65 3.73
CA VAL A 49 -17.10 -5.44 2.91
C VAL A 49 -17.32 -4.29 1.93
N THR A 50 -16.26 -3.51 1.70
CA THR A 50 -16.34 -2.39 0.78
C THR A 50 -15.16 -2.43 -0.18
N SER A 51 -15.22 -1.57 -1.21
CA SER A 51 -14.05 -1.33 -2.04
C SER A 51 -13.05 -0.55 -1.22
N PRO A 52 -11.76 -0.59 -1.60
CA PRO A 52 -10.74 0.12 -0.82
C PRO A 52 -11.03 1.62 -0.68
N ASP A 53 -11.48 2.27 -1.74
CA ASP A 53 -11.69 3.72 -1.69
C ASP A 53 -12.91 4.10 -0.85
N GLN A 54 -13.90 3.21 -0.75
CA GLN A 54 -15.09 3.46 0.07
C GLN A 54 -14.87 3.30 1.57
N TYR A 55 -13.80 2.60 1.96
CA TYR A 55 -13.72 2.05 3.30
C TYR A 55 -13.60 3.08 4.42
N ALA A 56 -12.74 4.07 4.23
CA ALA A 56 -12.46 5.07 5.27
C ALA A 56 -13.73 5.79 5.69
N THR A 57 -14.52 6.17 4.69
CA THR A 57 -15.77 6.87 4.96
C THR A 57 -16.73 6.01 5.79
N LYS A 58 -16.83 4.73 5.43
CA LYS A 58 -17.82 3.87 6.05
C LYS A 58 -17.37 3.51 7.47
N LEU A 59 -16.07 3.32 7.67
CA LEU A 59 -15.60 3.00 9.01
C LEU A 59 -15.74 4.22 9.92
N ARG A 60 -15.45 5.39 9.36
CA ARG A 60 -15.56 6.65 10.11
C ARG A 60 -16.97 6.84 10.62
N ALA A 61 -17.95 6.51 9.77
CA ALA A 61 -19.35 6.64 10.13
C ALA A 61 -19.73 5.67 11.26
N ALA A 62 -19.23 4.43 11.16
CA ALA A 62 -19.48 3.44 12.21
C ALA A 62 -18.96 3.95 13.55
N ILE A 63 -17.75 4.49 13.55
CA ILE A 63 -17.16 4.95 14.79
C ILE A 63 -17.88 6.18 15.33
N ALA A 64 -18.27 7.09 14.44
CA ALA A 64 -18.99 8.30 14.85
C ALA A 64 -20.31 7.97 15.54
N GLY A 65 -20.98 6.92 15.08
CA GLY A 65 -22.21 6.47 15.71
C GLY A 65 -22.05 5.50 16.86
N ARG A 66 -20.80 5.15 17.15
CA ARG A 66 -20.46 4.19 18.21
C ARG A 66 -21.17 2.85 17.96
N LYS A 67 -21.22 2.46 16.69
CA LYS A 67 -21.72 1.17 16.25
C LYS A 67 -20.58 0.45 15.53
N ILE A 68 -19.59 0.03 16.31
CA ILE A 68 -18.33 -0.44 15.79
C ILE A 68 -18.39 -1.95 15.56
N PRO A 69 -17.97 -2.40 14.37
CA PRO A 69 -17.97 -3.86 14.13
C PRO A 69 -17.04 -4.60 15.10
N ASP A 70 -17.33 -5.87 15.37
CA ASP A 70 -16.48 -6.62 16.31
C ASP A 70 -15.04 -6.70 15.86
N VAL A 71 -14.84 -7.00 14.58
CA VAL A 71 -13.51 -7.11 13.99
C VAL A 71 -13.46 -6.26 12.71
N PHE A 72 -12.38 -5.51 12.53
CA PHE A 72 -12.30 -4.61 11.38
C PHE A 72 -10.87 -4.24 10.98
N TYR A 73 -10.69 -4.01 9.68
CA TYR A 73 -9.46 -3.39 9.19
C TYR A 73 -9.33 -1.95 9.66
N PHE A 74 -8.10 -1.51 9.89
CA PHE A 74 -7.86 -0.09 10.10
C PHE A 74 -6.45 0.30 9.68
N ASN A 75 -6.25 1.60 9.48
CA ASN A 75 -4.97 2.12 9.00
C ASN A 75 -4.04 2.37 10.17
N PRO A 76 -2.76 1.99 10.05
CA PRO A 76 -1.85 2.21 11.19
C PRO A 76 -1.76 3.69 11.61
N GLY A 77 -2.03 4.62 10.70
CA GLY A 77 -2.02 6.04 11.04
C GLY A 77 -3.15 6.46 11.97
N GLU A 78 -4.15 5.59 12.16
CA GLU A 78 -5.29 5.87 13.03
C GLU A 78 -5.12 5.25 14.42
N LEU A 79 -4.00 4.55 14.64
CA LEU A 79 -3.85 3.77 15.88
C LEU A 79 -3.99 4.65 17.11
N ARG A 80 -3.21 5.72 17.16
CA ARG A 80 -3.22 6.59 18.34
C ARG A 80 -4.58 7.24 18.56
N ALA A 81 -5.20 7.69 17.48
CA ALA A 81 -6.51 8.32 17.58
C ALA A 81 -7.55 7.32 18.08
N TYR A 82 -7.45 6.08 17.61
CA TYR A 82 -8.43 5.05 17.97
C TYR A 82 -8.27 4.62 19.42
N VAL A 83 -7.04 4.68 19.93
CA VAL A 83 -6.82 4.34 21.34
C VAL A 83 -7.36 5.47 22.23
N ASN A 84 -7.06 6.71 21.86
CA ASN A 84 -7.57 7.88 22.61
C ASN A 84 -9.09 7.92 22.71
N SER A 85 -9.77 7.38 21.70
CA SER A 85 -11.23 7.44 21.68
C SER A 85 -11.84 6.13 22.08
N ASN A 86 -11.01 5.24 22.63
CA ASN A 86 -11.45 3.91 23.07
CA ASN A 86 -11.44 3.91 23.06
C ASN A 86 -12.20 3.13 21.99
N VAL A 87 -11.60 3.04 20.81
CA VAL A 87 -12.18 2.32 19.69
C VAL A 87 -11.67 0.87 19.66
N LEU A 88 -10.38 0.70 19.95
CA LEU A 88 -9.71 -0.59 19.83
C LEU A 88 -9.55 -1.28 21.17
N LEU A 89 -9.95 -2.54 21.25
CA LEU A 89 -9.70 -3.33 22.45
C LEU A 89 -8.22 -3.68 22.61
N ASP A 90 -7.74 -3.61 23.85
CA ASP A 90 -6.42 -4.12 24.19
C ASP A 90 -6.48 -5.65 24.16
N ILE A 91 -5.89 -6.25 23.13
CA ILE A 91 -6.00 -7.69 22.92
C ILE A 91 -4.78 -8.46 23.39
N THR A 92 -3.88 -7.79 24.10
CA THR A 92 -2.61 -8.39 24.51
C THR A 92 -2.78 -9.73 25.20
N LYS A 93 -3.58 -9.76 26.25
CA LYS A 93 -3.76 -10.98 27.04
C LYS A 93 -4.40 -12.10 26.24
N TYR A 94 -5.35 -11.77 25.37
CA TYR A 94 -5.99 -12.79 24.53
C TYR A 94 -4.98 -13.43 23.58
N VAL A 95 -4.07 -12.62 23.03
CA VAL A 95 -3.09 -13.13 22.08
C VAL A 95 -2.06 -14.00 22.80
N GLU A 96 -1.67 -13.58 24.00
CA GLU A 96 -0.73 -14.36 24.81
C GLU A 96 -1.29 -15.71 25.23
N ASN A 97 -2.59 -15.74 25.57
CA ASN A 97 -3.22 -16.95 26.06
C ASN A 97 -3.61 -17.95 24.96
N SER A 98 -3.65 -17.48 23.71
CA SER A 98 -4.16 -18.30 22.62
C SER A 98 -3.23 -19.47 22.30
N LYS A 99 -3.82 -20.59 21.92
CA LYS A 99 -3.09 -21.84 21.74
C LYS A 99 -2.16 -21.84 20.52
N GLY A 100 -0.87 -22.00 20.79
CA GLY A 100 0.11 -22.24 19.74
C GLY A 100 0.63 -20.99 19.05
N VAL A 101 -0.13 -19.90 19.16
CA VAL A 101 0.22 -18.65 18.47
C VAL A 101 1.62 -18.16 18.85
N ASN A 102 2.32 -17.62 17.87
CA ASN A 102 3.71 -17.21 18.00
C ASN A 102 3.95 -15.97 17.13
N LEU A 103 3.56 -14.81 17.66
CA LEU A 103 3.69 -13.55 16.96
C LEU A 103 5.11 -13.25 16.65
N GLN A 104 6.02 -13.89 17.35
CA GLN A 104 7.42 -13.67 17.18
C GLN A 104 7.87 -14.18 15.80
N ASP A 105 7.08 -15.04 15.21
CA ASP A 105 7.29 -15.56 13.86
C ASP A 105 6.84 -14.56 12.77
N ILE A 106 5.94 -13.66 13.14
CA ILE A 106 5.40 -12.65 12.23
C ILE A 106 6.36 -11.46 12.08
N TRP A 107 6.37 -10.83 10.90
CA TRP A 107 7.17 -9.63 10.65
C TRP A 107 7.10 -8.67 11.83
N GLU A 108 8.23 -8.38 12.44
CA GLU A 108 8.26 -7.47 13.58
C GLU A 108 7.77 -6.08 13.15
N LYS A 109 8.20 -5.64 11.97
CA LYS A 109 7.72 -4.38 11.42
C LYS A 109 6.19 -4.33 11.36
N GLY A 110 5.55 -5.45 11.03
CA GLY A 110 4.10 -5.50 10.95
C GLY A 110 3.46 -5.45 12.32
N VAL A 111 3.94 -6.29 13.24
CA VAL A 111 3.34 -6.40 14.56
C VAL A 111 3.47 -5.08 15.31
N ASN A 112 4.65 -4.46 15.22
CA ASN A 112 4.90 -3.23 15.97
C ASN A 112 4.07 -2.02 15.54
N LYS A 113 3.50 -2.05 14.35
CA LYS A 113 2.66 -0.92 13.92
C LYS A 113 1.38 -0.82 14.75
N TYR A 114 1.06 -1.88 15.48
CA TYR A 114 -0.23 -1.93 16.18
C TYR A 114 -0.01 -2.11 17.68
N ARG A 115 1.20 -1.77 18.12
CA ARG A 115 1.54 -1.70 19.54
C ARG A 115 1.54 -0.24 20.00
N PHE A 116 1.02 0.01 21.18
CA PHE A 116 1.01 1.36 21.73
C PHE A 116 1.18 1.28 23.25
N ASP A 117 2.14 2.02 23.79
CA ASP A 117 2.45 1.91 25.21
C ASP A 117 1.85 3.05 26.02
N GLY A 118 0.96 3.82 25.39
CA GLY A 118 0.35 4.96 26.03
C GLY A 118 0.96 6.27 25.57
N GLU A 119 2.23 6.23 25.20
CA GLU A 119 2.93 7.42 24.74
C GLU A 119 3.32 7.32 23.28
N LYS A 120 3.81 6.16 22.88
CA LYS A 120 4.33 5.99 21.52
C LYS A 120 3.98 4.65 20.89
N VAL A 121 3.92 4.65 19.57
CA VAL A 121 3.68 3.46 18.77
C VAL A 121 4.94 2.60 18.71
N GLY A 122 4.77 1.27 18.69
CA GLY A 122 5.88 0.38 18.41
C GLY A 122 6.25 -0.52 19.58
N GLN A 123 5.73 -0.18 20.76
CA GLN A 123 6.03 -0.90 21.99
C GLN A 123 4.77 -0.99 22.83
N GLY A 124 4.73 -1.95 23.74
CA GLY A 124 3.62 -2.05 24.67
C GLY A 124 2.48 -2.94 24.22
N ASN A 125 1.28 -2.60 24.66
CA ASN A 125 0.09 -3.41 24.44
C ASN A 125 -0.29 -3.53 22.97
N LEU A 126 -0.82 -4.69 22.60
CA LEU A 126 -1.34 -4.93 21.25
C LEU A 126 -2.75 -4.41 21.11
N TYR A 127 -2.98 -3.58 20.09
CA TYR A 127 -4.30 -3.04 19.82
C TYR A 127 -4.78 -3.49 18.44
N GLY A 128 -4.02 -4.40 17.85
CA GLY A 128 -4.40 -4.99 16.58
C GLY A 128 -3.34 -5.99 16.12
N LEU A 129 -3.69 -6.72 15.07
CA LEU A 129 -2.79 -7.67 14.43
C LEU A 129 -2.59 -7.27 12.98
N PRO A 130 -1.40 -7.53 12.42
CA PRO A 130 -1.20 -7.07 11.04
C PRO A 130 -1.95 -7.93 10.04
N LYS A 131 -2.75 -7.29 9.19
CA LYS A 131 -3.32 -8.02 8.04
C LYS A 131 -2.20 -8.57 7.21
N ASP A 132 -1.26 -7.69 6.85
CA ASP A 132 -0.14 -8.02 6.00
C ASP A 132 0.93 -6.93 6.09
N LEU A 133 2.02 -7.14 5.37
CA LEU A 133 2.86 -6.04 4.91
C LEU A 133 2.70 -5.97 3.40
N GLY A 134 2.66 -4.74 2.88
CA GLY A 134 2.37 -4.56 1.48
C GLY A 134 3.41 -3.74 0.76
N PRO A 135 4.57 -4.35 0.49
CA PRO A 135 5.61 -3.71 -0.30
C PRO A 135 5.16 -3.46 -1.74
N PHE A 136 5.36 -2.24 -2.22
CA PHE A 136 4.86 -1.83 -3.53
C PHE A 136 6.01 -1.84 -4.52
N ALA A 137 6.12 -2.93 -5.28
CA ALA A 137 7.28 -3.11 -6.17
C ALA A 137 7.01 -2.55 -7.56
N LEU A 138 8.05 -2.51 -8.37
CA LEU A 138 7.94 -2.13 -9.76
C LEU A 138 8.00 -3.38 -10.65
N GLY A 139 7.00 -3.52 -11.53
CA GLY A 139 6.99 -4.60 -12.49
C GLY A 139 7.35 -4.11 -13.87
N TYR A 140 7.87 -5.02 -14.70
CA TYR A 140 8.05 -4.69 -16.10
C TYR A 140 7.55 -5.82 -16.95
N ASN A 141 7.13 -5.47 -18.15
CA ASN A 141 6.61 -6.39 -19.14
C ASN A 141 7.78 -7.01 -19.93
N LYS A 142 8.15 -8.23 -19.55
CA LYS A 142 9.29 -8.92 -20.16
C LYS A 142 9.02 -9.30 -21.61
N THR A 143 7.78 -9.70 -21.90
CA THR A 143 7.36 -10.00 -23.26
C THR A 143 7.63 -8.80 -24.17
N MET A 144 7.26 -7.62 -23.68
CA MET A 144 7.41 -6.39 -24.46
C MET A 144 8.87 -6.05 -24.71
N PHE A 145 9.69 -6.13 -23.67
CA PHE A 145 11.12 -5.92 -23.79
C PHE A 145 11.75 -6.84 -24.83
N GLU A 146 11.42 -8.12 -24.77
CA GLU A 146 12.09 -9.09 -25.63
C GLU A 146 11.65 -8.94 -27.09
N LYS A 147 10.38 -8.60 -27.32
CA LYS A 147 9.92 -8.32 -28.67
C LYS A 147 10.59 -7.05 -29.23
N ALA A 148 10.90 -6.10 -28.37
CA ALA A 148 11.56 -4.84 -28.75
C ALA A 148 13.08 -4.96 -28.90
N GLY A 149 13.66 -6.06 -28.41
CA GLY A 149 15.11 -6.25 -28.45
C GLY A 149 15.85 -5.38 -27.45
N ILE A 150 15.12 -4.87 -26.45
CA ILE A 150 15.74 -4.06 -25.41
C ILE A 150 16.31 -4.97 -24.30
N PRO A 151 17.55 -4.72 -23.90
CA PRO A 151 18.16 -5.48 -22.80
C PRO A 151 17.30 -5.43 -21.54
N LEU A 152 17.15 -6.55 -20.84
CA LEU A 152 16.27 -6.58 -19.66
C LEU A 152 16.80 -5.67 -18.56
N PRO A 153 15.89 -5.08 -17.76
CA PRO A 153 16.32 -4.31 -16.59
C PRO A 153 17.13 -5.18 -15.63
N ASP A 154 18.07 -4.60 -14.93
CA ASP A 154 18.79 -5.34 -13.90
C ASP A 154 17.92 -5.49 -12.66
N LYS A 155 17.98 -6.66 -12.00
CA LYS A 155 17.07 -6.91 -10.87
C LYS A 155 17.62 -6.35 -9.56
N ASP A 156 18.82 -5.79 -9.58
CA ASP A 156 19.39 -5.23 -8.36
C ASP A 156 19.79 -3.76 -8.50
N LYS A 157 20.34 -3.40 -9.66
CA LYS A 157 20.81 -2.03 -9.85
C LYS A 157 19.76 -1.15 -10.51
N PRO A 158 19.27 -0.14 -9.78
CA PRO A 158 18.20 0.71 -10.30
C PRO A 158 18.62 1.47 -11.55
N TYR A 159 17.69 1.64 -12.49
CA TYR A 159 17.82 2.68 -13.50
C TYR A 159 18.04 4.04 -12.83
N THR A 160 18.83 4.91 -13.44
CA THR A 160 18.77 6.33 -13.09
C THR A 160 17.47 6.88 -13.68
N TRP A 161 17.07 8.08 -13.28
CA TRP A 161 15.85 8.66 -13.87
C TRP A 161 15.99 8.84 -15.37
N GLN A 162 17.15 9.29 -15.82
CA GLN A 162 17.35 9.50 -17.26
C GLN A 162 17.35 8.16 -18.01
N GLU A 163 17.96 7.13 -17.43
CA GLU A 163 17.95 5.81 -18.06
C GLU A 163 16.53 5.28 -18.17
N PHE A 164 15.72 5.54 -17.15
CA PHE A 164 14.32 5.10 -17.12
C PHE A 164 13.55 5.76 -18.24
N ILE A 165 13.69 7.08 -18.37
CA ILE A 165 13.03 7.79 -19.46
C ILE A 165 13.51 7.25 -20.82
N ASP A 166 14.82 6.98 -20.92
CA ASP A 166 15.39 6.50 -22.18
C ASP A 166 14.74 5.19 -22.62
N VAL A 167 14.63 4.22 -21.70
CA VAL A 167 14.02 2.93 -22.05
CA VAL A 167 14.02 2.94 -22.07
C VAL A 167 12.52 3.11 -22.29
N CYS A 168 11.88 3.95 -21.48
CA CYS A 168 10.44 4.22 -21.66
C CYS A 168 10.15 4.80 -23.04
N LYS A 169 11.04 5.66 -23.54
CA LYS A 169 10.87 6.22 -24.87
C LYS A 169 10.99 5.15 -25.95
N LYS A 170 11.96 4.26 -25.79
CA LYS A 170 12.14 3.16 -26.74
C LYS A 170 10.90 2.27 -26.80
N LEU A 171 10.20 2.13 -25.68
CA LEU A 171 9.05 1.25 -25.59
C LEU A 171 7.77 1.89 -26.13
N THR A 172 7.79 3.22 -26.27
CA THR A 172 6.61 3.98 -26.68
C THR A 172 6.53 4.01 -28.20
N LYS A 173 5.61 3.25 -28.77
CA LYS A 173 5.55 3.15 -30.22
C LYS A 173 4.21 2.70 -30.78
N ASP A 174 4.10 2.79 -32.10
CA ASP A 174 3.00 2.27 -32.88
C ASP A 174 3.35 0.85 -33.30
N THR A 175 2.76 -0.15 -32.66
CA THR A 175 3.18 -1.52 -32.91
C THR A 175 2.41 -2.18 -34.03
N ASN A 176 1.20 -1.71 -34.32
CA ASN A 176 0.40 -2.37 -35.35
C ASN A 176 0.48 -1.63 -36.69
N GLY A 177 1.17 -0.50 -36.69
CA GLY A 177 1.46 0.23 -37.92
C GLY A 177 0.29 0.99 -38.51
N ASP A 178 -0.67 1.40 -37.67
CA ASP A 178 -1.80 2.17 -38.17
C ASP A 178 -1.54 3.68 -38.07
N GLY A 179 -0.34 4.02 -37.60
CA GLY A 179 0.08 5.41 -37.46
C GLY A 179 -0.18 6.02 -36.09
N LYS A 180 -0.72 5.24 -35.16
CA LYS A 180 -1.05 5.76 -33.83
C LYS A 180 -0.30 5.00 -32.74
N LEU A 181 0.22 5.70 -31.73
CA LEU A 181 0.89 5.01 -30.62
C LEU A 181 -0.12 4.09 -29.95
N ASP A 182 0.30 2.87 -29.63
CA ASP A 182 -0.59 1.94 -28.96
C ASP A 182 0.14 1.17 -27.87
N GLN A 183 1.37 1.60 -27.58
CA GLN A 183 2.18 0.99 -26.54
C GLN A 183 3.01 2.09 -25.90
N TRP A 184 3.12 2.08 -24.58
CA TRP A 184 3.82 3.16 -23.90
C TRP A 184 4.79 2.64 -22.86
N GLY A 185 5.79 3.44 -22.54
CA GLY A 185 6.76 3.06 -21.51
C GLY A 185 6.09 2.76 -20.19
N THR A 186 5.26 3.68 -19.72
CA THR A 186 4.61 3.48 -18.43
C THR A 186 3.36 4.34 -18.32
N GLY A 187 2.83 4.48 -17.11
CA GLY A 187 1.63 5.30 -16.89
C GLY A 187 1.36 5.31 -15.41
N LEU A 188 2.29 5.88 -14.65
CA LEU A 188 2.25 5.79 -13.20
C LEU A 188 1.21 6.70 -12.56
N ASN A 189 0.52 6.16 -11.55
CA ASN A 189 -0.48 6.89 -10.78
C ASN A 189 0.20 7.61 -9.61
N ALA A 190 0.17 8.94 -9.66
CA ALA A 190 0.87 9.77 -8.67
C ALA A 190 0.45 9.45 -7.23
N THR A 191 -0.80 9.07 -7.03
CA THR A 191 -1.31 8.75 -5.71
C THR A 191 -0.48 7.65 -5.04
N TRP A 192 -0.01 6.69 -5.84
CA TRP A 192 0.67 5.51 -5.28
C TRP A 192 2.14 5.41 -5.67
N THR A 193 2.60 6.26 -6.60
CA THR A 193 3.97 6.09 -7.10
C THR A 193 4.82 7.34 -7.04
N LEU A 194 4.24 8.47 -6.59
CA LEU A 194 5.05 9.68 -6.48
C LEU A 194 6.08 9.54 -5.35
N GLN A 195 5.72 8.79 -4.29
CA GLN A 195 6.50 8.75 -3.05
C GLN A 195 7.93 8.31 -3.30
N GLY A 196 8.09 7.25 -4.09
CA GLY A 196 9.41 6.71 -4.34
C GLY A 196 10.33 7.70 -5.03
N PHE A 197 9.80 8.49 -5.96
CA PHE A 197 10.61 9.49 -6.65
C PHE A 197 11.00 10.61 -5.68
N VAL A 198 10.04 11.02 -4.84
CA VAL A 198 10.31 12.03 -3.83
C VAL A 198 11.40 11.53 -2.86
N TRP A 199 11.20 10.33 -2.33
CA TRP A 199 12.11 9.79 -1.32
C TRP A 199 13.50 9.49 -1.88
N SER A 200 13.55 8.91 -3.08
CA SER A 200 14.85 8.57 -3.68
CA SER A 200 14.86 8.57 -3.64
C SER A 200 15.61 9.81 -4.11
N ASN A 201 14.91 10.95 -4.16
CA ASN A 201 15.56 12.22 -4.49
C ASN A 201 15.90 13.00 -3.23
N GLY A 202 15.77 12.35 -2.08
CA GLY A 202 16.22 12.91 -0.81
C GLY A 202 15.27 13.92 -0.21
N ALA A 203 14.00 13.78 -0.55
CA ALA A 203 12.97 14.68 -0.03
C ALA A 203 11.86 13.90 0.69
N ASP A 204 10.91 14.64 1.26
CA ASP A 204 9.72 14.05 1.87
C ASP A 204 8.62 15.10 2.01
N TRP A 205 7.42 14.66 2.38
CA TRP A 205 6.30 15.57 2.56
C TRP A 205 6.47 16.40 3.84
N ILE A 206 7.13 15.81 4.83
CA ILE A 206 7.34 16.48 6.11
C ILE A 206 8.78 16.32 6.55
N ASP A 207 9.19 17.14 7.50
CA ASP A 207 10.55 17.08 8.02
C ASP A 207 10.76 15.88 8.93
N GLU A 208 11.96 15.72 9.43
CA GLU A 208 12.31 14.64 10.28
C GLU A 208 11.45 14.57 11.57
N SER A 209 11.09 15.71 12.10
CA SER A 209 10.32 15.76 13.35
C SER A 209 8.86 15.42 13.10
N LYS A 210 8.48 15.36 11.82
CA LYS A 210 7.11 15.10 11.38
C LYS A 210 6.15 16.21 11.81
N THR A 211 6.66 17.43 11.97
CA THR A 211 5.81 18.54 12.35
C THR A 211 5.80 19.71 11.35
N LYS A 212 6.72 19.70 10.39
CA LYS A 212 6.78 20.77 9.41
C LYS A 212 6.62 20.25 7.98
N VAL A 213 5.75 20.89 7.19
CA VAL A 213 5.56 20.49 5.80
C VAL A 213 6.76 20.94 4.96
N THR A 214 7.26 20.03 4.12
CA THR A 214 8.49 20.29 3.37
C THR A 214 8.34 20.05 1.86
N VAL A 215 7.13 20.22 1.35
CA VAL A 215 6.91 20.00 -0.08
C VAL A 215 7.51 21.11 -0.93
N ASP A 216 7.89 22.23 -0.33
CA ASP A 216 8.51 23.29 -1.11
C ASP A 216 10.05 23.17 -1.18
N ASP A 217 10.57 22.06 -0.66
CA ASP A 217 11.99 21.69 -0.84
C ASP A 217 12.26 21.56 -2.34
N PRO A 218 13.32 22.21 -2.84
CA PRO A 218 13.67 22.03 -4.26
C PRO A 218 13.78 20.57 -4.70
N LYS A 219 14.21 19.69 -3.80
CA LYS A 219 14.32 18.27 -4.12
C LYS A 219 12.94 17.65 -4.31
N PHE A 220 11.95 18.14 -3.56
CA PHE A 220 10.57 17.65 -3.71
C PHE A 220 10.02 18.16 -5.03
N ILE A 221 10.19 19.45 -5.28
CA ILE A 221 9.74 20.05 -6.52
C ILE A 221 10.32 19.33 -7.75
N GLU A 222 11.62 19.01 -7.71
CA GLU A 222 12.28 18.31 -8.81
C GLU A 222 11.61 16.95 -9.04
N ALA A 223 11.32 16.24 -7.96
CA ALA A 223 10.70 14.92 -8.06
C ALA A 223 9.28 15.02 -8.63
N LEU A 224 8.50 15.98 -8.13
CA LEU A 224 7.13 16.16 -8.64
C LEU A 224 7.11 16.62 -10.10
N GLN A 225 8.01 17.53 -10.47
CA GLN A 225 8.06 17.96 -11.86
C GLN A 225 8.52 16.83 -12.78
N PHE A 226 9.51 16.05 -12.37
CA PHE A 226 9.88 14.87 -13.13
C PHE A 226 8.67 13.94 -13.35
N PHE A 227 7.90 13.75 -12.30
CA PHE A 227 6.79 12.82 -12.35
C PHE A 227 5.80 13.28 -13.40
N ALA A 228 5.42 14.56 -13.31
CA ALA A 228 4.44 15.12 -14.25
C ALA A 228 5.00 15.11 -15.66
N ASP A 229 6.31 15.33 -15.79
CA ASP A 229 6.95 15.39 -17.09
C ASP A 229 6.91 14.05 -17.84
N MET A 230 6.77 12.92 -17.13
CA MET A 230 6.63 11.64 -17.83
C MET A 230 5.50 11.68 -18.85
N GLN A 231 4.36 12.21 -18.42
CA GLN A 231 3.22 12.38 -19.31
C GLN A 231 3.37 13.55 -20.27
N ASN A 232 3.79 14.71 -19.77
CA ASN A 232 3.64 15.95 -20.53
C ASN A 232 4.82 16.37 -21.38
N LYS A 233 6.02 15.98 -20.96
CA LYS A 233 7.25 16.44 -21.59
C LYS A 233 7.98 15.30 -22.31
N TYR A 234 8.26 14.23 -21.57
CA TYR A 234 8.96 13.08 -22.14
C TYR A 234 8.01 12.24 -22.96
N LYS A 235 6.72 12.36 -22.66
CA LYS A 235 5.65 11.70 -23.41
C LYS A 235 5.86 10.19 -23.49
N VAL A 236 6.05 9.55 -22.34
CA VAL A 236 6.27 8.11 -22.31
C VAL A 236 5.07 7.36 -21.72
N THR A 237 3.95 8.07 -21.65
CA THR A 237 2.69 7.53 -21.13
C THR A 237 1.57 7.74 -22.14
N PRO A 238 0.44 7.01 -21.97
CA PRO A 238 -0.75 7.41 -22.74
C PRO A 238 -1.06 8.89 -22.53
N SER A 239 -1.72 9.50 -23.50
CA SER A 239 -2.11 10.90 -23.33
C SER A 239 -3.13 11.06 -22.23
N ILE A 240 -3.36 12.31 -21.83
CA ILE A 240 -4.39 12.65 -20.88
C ILE A 240 -5.73 12.04 -21.30
N ALA A 241 -6.12 12.25 -22.55
CA ALA A 241 -7.38 11.69 -23.05
C ALA A 241 -7.40 10.16 -23.08
N GLU A 242 -6.26 9.54 -23.41
CA GLU A 242 -6.20 8.08 -23.49
C GLU A 242 -6.34 7.48 -22.10
N ALA A 243 -5.68 8.07 -21.11
CA ALA A 243 -5.79 7.56 -19.74
C ALA A 243 -7.21 7.74 -19.19
N GLN A 244 -7.88 8.80 -19.63
CA GLN A 244 -9.28 9.01 -19.26
C GLN A 244 -10.16 7.91 -19.87
N THR A 245 -9.89 7.55 -21.12
CA THR A 245 -10.65 6.53 -21.82
C THR A 245 -10.50 5.18 -21.15
N LEU A 246 -9.26 4.81 -20.85
CA LEU A 246 -8.99 3.53 -20.20
C LEU A 246 -7.79 3.74 -19.29
N ASP A 247 -7.97 3.51 -17.98
CA ASP A 247 -6.94 3.92 -17.02
C ASP A 247 -5.70 3.05 -17.16
N THR A 248 -4.60 3.53 -16.61
CA THR A 248 -3.34 2.88 -16.91
C THR A 248 -3.18 1.49 -16.25
N TYR A 249 -3.87 1.25 -15.14
CA TYR A 249 -3.88 -0.09 -14.55
C TYR A 249 -4.47 -1.06 -15.55
N GLN A 250 -5.59 -0.68 -16.15
CA GLN A 250 -6.22 -1.55 -17.14
C GLN A 250 -5.34 -1.71 -18.37
N ARG A 251 -4.67 -0.64 -18.78
CA ARG A 251 -3.78 -0.72 -19.94
C ARG A 251 -2.57 -1.62 -19.64
N TRP A 252 -2.07 -1.57 -18.41
CA TRP A 252 -1.03 -2.53 -17.99
C TRP A 252 -1.51 -3.99 -18.09
N LEU A 253 -2.74 -4.27 -17.64
CA LEU A 253 -3.27 -5.64 -17.72
C LEU A 253 -3.33 -6.15 -19.16
N ARG A 254 -3.62 -5.25 -20.09
CA ARG A 254 -3.80 -5.61 -21.50
CA ARG A 254 -3.79 -5.65 -21.49
C ARG A 254 -2.46 -5.69 -22.26
N GLY A 255 -1.36 -5.42 -21.57
CA GLY A 255 -0.05 -5.53 -22.21
C GLY A 255 0.40 -4.31 -22.98
N GLN A 256 -0.19 -3.16 -22.66
CA GLN A 256 0.13 -1.92 -23.38
C GLN A 256 1.27 -1.12 -22.75
N LEU A 257 1.68 -1.47 -21.54
CA LEU A 257 2.69 -0.67 -20.81
C LEU A 257 3.94 -1.45 -20.42
N GLY A 258 5.09 -0.80 -20.58
CA GLY A 258 6.37 -1.37 -20.20
C GLY A 258 6.56 -1.59 -18.73
N PHE A 259 6.17 -0.60 -17.93
CA PHE A 259 6.37 -0.63 -16.49
C PHE A 259 5.08 -0.29 -15.75
N PHE A 260 4.84 -0.96 -14.64
CA PHE A 260 3.72 -0.62 -13.77
C PHE A 260 3.99 -1.23 -12.40
N PRO A 261 3.51 -0.60 -11.32
CA PRO A 261 3.75 -1.22 -10.01
C PRO A 261 2.99 -2.53 -9.78
N VAL A 262 3.49 -3.30 -8.82
CA VAL A 262 2.91 -4.56 -8.39
C VAL A 262 2.95 -4.66 -6.87
N GLY A 263 1.79 -4.87 -6.26
CA GLY A 263 1.72 -5.21 -4.84
C GLY A 263 1.30 -6.66 -4.73
N PRO A 264 1.60 -7.29 -3.58
CA PRO A 264 1.21 -8.71 -3.46
C PRO A 264 -0.30 -8.90 -3.57
N TRP A 265 -1.09 -7.89 -3.23
CA TRP A 265 -2.55 -7.99 -3.37
C TRP A 265 -3.01 -8.08 -4.83
N ASP A 266 -2.11 -7.75 -5.77
CA ASP A 266 -2.42 -7.76 -7.19
C ASP A 266 -2.30 -9.13 -7.80
N LEU A 267 -1.64 -10.05 -7.09
CA LEU A 267 -1.17 -11.26 -7.74
C LEU A 267 -2.31 -12.11 -8.29
N ALA A 268 -3.41 -12.25 -7.54
CA ALA A 268 -4.53 -13.05 -8.01
C ALA A 268 -5.18 -12.41 -9.23
N ALA A 269 -5.35 -11.09 -9.23
CA ALA A 269 -5.91 -10.40 -10.39
C ALA A 269 -5.00 -10.57 -11.61
N PHE A 270 -3.70 -10.50 -11.37
CA PHE A 270 -2.73 -10.61 -12.46
C PHE A 270 -2.70 -12.04 -13.00
N ASP A 271 -2.84 -13.03 -12.12
CA ASP A 271 -2.88 -14.43 -12.55
C ASP A 271 -4.02 -14.64 -13.52
N GLN A 272 -5.09 -13.94 -13.24
CA GLN A 272 -6.30 -14.10 -14.01
C GLN A 272 -6.33 -13.35 -15.35
N GLN A 273 -5.72 -12.18 -15.37
CA GLN A 273 -5.88 -11.29 -16.50
C GLN A 273 -4.61 -11.02 -17.32
N ILE A 274 -3.45 -11.11 -16.69
CA ILE A 274 -2.21 -10.81 -17.41
C ILE A 274 -1.72 -12.04 -18.15
N LYS A 275 -1.49 -11.86 -19.45
CA LYS A 275 -1.07 -12.96 -20.32
C LYS A 275 0.41 -12.85 -20.72
N PHE A 276 0.99 -11.67 -20.57
CA PHE A 276 2.42 -11.51 -20.85
C PHE A 276 3.26 -11.92 -19.64
N GLU A 277 4.56 -12.15 -19.88
CA GLU A 277 5.51 -12.44 -18.82
C GLU A 277 5.94 -11.13 -18.17
N TYR A 278 5.94 -11.09 -16.84
CA TYR A 278 6.44 -9.89 -16.14
C TYR A 278 7.31 -10.28 -14.96
N ASP A 279 8.16 -9.36 -14.52
CA ASP A 279 9.03 -9.59 -13.38
C ASP A 279 9.22 -8.30 -12.58
N LEU A 280 9.80 -8.42 -11.39
CA LEU A 280 9.96 -7.26 -10.51
C LEU A 280 11.38 -6.73 -10.49
N ILE A 281 11.51 -5.41 -10.35
CA ILE A 281 12.80 -4.73 -10.31
C ILE A 281 12.75 -3.61 -9.28
N PRO A 282 13.92 -3.11 -8.86
CA PRO A 282 13.91 -1.92 -8.02
C PRO A 282 13.38 -0.72 -8.77
N TRP A 283 12.79 0.23 -8.05
CA TRP A 283 12.37 1.48 -8.65
C TRP A 283 13.58 2.30 -9.12
N PRO A 284 13.42 3.09 -10.18
CA PRO A 284 14.51 4.00 -10.60
C PRO A 284 14.88 4.92 -9.46
N ALA A 285 16.14 5.30 -9.36
CA ALA A 285 16.60 6.10 -8.24
C ALA A 285 17.02 7.51 -8.65
N GLY A 286 16.63 8.48 -7.83
CA GLY A 286 16.99 9.87 -8.01
C GLY A 286 18.37 10.18 -7.43
N SER A 287 18.54 11.37 -6.88
CA SER A 287 19.87 11.84 -6.46
C SER A 287 20.55 10.97 -5.41
N THR A 288 19.79 10.31 -4.55
CA THR A 288 20.39 9.42 -3.56
C THR A 288 21.00 8.16 -4.19
N GLY A 289 20.52 7.79 -5.36
CA GLY A 289 21.00 6.58 -6.02
C GLY A 289 20.51 5.31 -5.37
N LYS A 290 19.63 5.46 -4.38
CA LYS A 290 19.01 4.31 -3.72
C LYS A 290 17.52 4.29 -4.06
N PRO A 291 16.99 3.12 -4.45
CA PRO A 291 15.55 3.05 -4.74
C PRO A 291 14.72 3.26 -3.49
N ALA A 292 13.50 3.71 -3.69
CA ALA A 292 12.57 3.95 -2.60
C ALA A 292 11.17 3.60 -3.07
N THR A 293 10.39 3.05 -2.14
CA THR A 293 8.96 2.85 -2.35
C THR A 293 8.34 2.70 -0.98
N TRP A 294 7.02 2.53 -0.94
CA TRP A 294 6.37 2.35 0.35
C TRP A 294 6.10 0.88 0.68
N VAL A 295 6.04 0.60 1.98
CA VAL A 295 5.54 -0.67 2.50
C VAL A 295 4.24 -0.39 3.24
N GLY A 296 3.15 -0.90 2.69
CA GLY A 296 1.84 -0.66 3.27
C GLY A 296 1.57 -1.62 4.40
N SER A 297 0.52 -1.35 5.18
CA SER A 297 0.02 -2.32 6.13
C SER A 297 -1.38 -1.89 6.55
N LEU A 298 -2.21 -2.87 6.86
CA LEU A 298 -3.48 -2.65 7.51
C LEU A 298 -3.50 -3.47 8.78
N GLY A 299 -4.18 -2.96 9.79
CA GLY A 299 -4.30 -3.71 11.02
C GLY A 299 -5.65 -4.37 11.09
N ILE A 300 -5.74 -5.47 11.82
CA ILE A 300 -7.03 -6.07 12.12
C ILE A 300 -7.30 -5.84 13.59
N GLY A 301 -8.32 -5.03 13.86
CA GLY A 301 -8.64 -4.65 15.22
C GLY A 301 -9.92 -5.25 15.76
N VAL A 302 -10.06 -5.21 17.08
CA VAL A 302 -11.25 -5.69 17.75
C VAL A 302 -11.95 -4.52 18.46
N SER A 303 -13.26 -4.41 18.29
CA SER A 303 -14.01 -3.34 18.97
C SER A 303 -13.84 -3.41 20.48
N SER A 304 -13.52 -2.28 21.10
CA SER A 304 -13.42 -2.21 22.55
C SER A 304 -14.75 -2.62 23.18
N MET A 305 -15.83 -2.46 22.44
CA MET A 305 -17.16 -2.75 22.97
C MET A 305 -17.72 -4.08 22.52
N THR A 306 -16.89 -4.96 21.97
CA THR A 306 -17.41 -6.27 21.52
C THR A 306 -17.92 -7.07 22.72
N LYS A 307 -19.01 -7.79 22.51
CA LYS A 307 -19.55 -8.68 23.54
C LYS A 307 -18.83 -10.03 23.55
N HIS A 308 -17.99 -10.26 22.55
CA HIS A 308 -17.29 -11.55 22.42
C HIS A 308 -15.81 -11.39 22.12
N PRO A 309 -15.04 -10.83 23.07
CA PRO A 309 -13.62 -10.54 22.80
C PRO A 309 -12.78 -11.78 22.48
N LYS A 310 -13.06 -12.91 23.11
CA LYS A 310 -12.27 -14.12 22.83
C LYS A 310 -12.44 -14.56 21.38
N GLU A 311 -13.68 -14.64 20.93
CA GLU A 311 -13.96 -15.10 19.58
C GLU A 311 -13.48 -14.08 18.54
N ALA A 312 -13.58 -12.79 18.88
CA ALA A 312 -13.16 -11.75 17.96
C ALA A 312 -11.65 -11.79 17.75
N VAL A 313 -10.88 -11.96 18.84
CA VAL A 313 -9.43 -12.07 18.74
C VAL A 313 -9.08 -13.34 17.97
N GLU A 314 -9.85 -14.40 18.19
CA GLU A 314 -9.62 -15.66 17.48
C GLU A 314 -9.79 -15.47 15.98
N LEU A 315 -10.78 -14.68 15.56
CA LEU A 315 -10.92 -14.39 14.14
C LEU A 315 -9.74 -13.57 13.61
N ALA A 316 -9.36 -12.52 14.34
CA ALA A 316 -8.23 -11.70 13.93
C ALA A 316 -6.95 -12.55 13.82
N LEU A 317 -6.75 -13.45 14.78
CA LEU A 317 -5.57 -14.31 14.80
C LEU A 317 -5.58 -15.28 13.63
N TYR A 318 -6.77 -15.76 13.29
CA TYR A 318 -6.88 -16.72 12.19
C TYR A 318 -6.43 -16.10 10.87
N LEU A 319 -6.80 -14.83 10.67
CA LEU A 319 -6.47 -14.12 9.43
C LEU A 319 -5.01 -13.64 9.39
N SER A 320 -4.49 -13.25 10.56
CA SER A 320 -3.16 -12.67 10.66
C SER A 320 -2.04 -13.68 10.86
N ALA A 321 -2.23 -14.63 11.79
CA ALA A 321 -1.08 -15.41 12.28
C ALA A 321 -1.24 -16.93 12.19
N ASP A 322 -2.48 -17.41 12.12
CA ASP A 322 -2.71 -18.85 12.08
C ASP A 322 -2.15 -19.45 10.79
N PRO A 323 -1.32 -20.50 10.90
CA PRO A 323 -0.70 -21.04 9.69
C PRO A 323 -1.72 -21.56 8.67
N GLU A 324 -2.85 -22.08 9.12
CA GLU A 324 -3.90 -22.53 8.21
C GLU A 324 -4.59 -21.36 7.49
N GLY A 325 -4.99 -20.34 8.25
CA GLY A 325 -5.60 -19.17 7.65
C GLY A 325 -4.62 -18.45 6.74
N GLN A 326 -3.38 -18.27 7.20
CA GLN A 326 -2.35 -17.65 6.38
C GLN A 326 -2.06 -18.42 5.10
N LYS A 327 -1.91 -19.74 5.20
CA LYS A 327 -1.62 -20.53 3.99
C LYS A 327 -2.71 -20.34 2.94
N ALA A 328 -3.95 -20.27 3.39
CA ALA A 328 -5.09 -20.09 2.49
C ALA A 328 -5.01 -18.74 1.76
N LEU A 329 -4.63 -17.69 2.49
CA LEU A 329 -4.54 -16.36 1.88
C LEU A 329 -3.41 -16.30 0.85
N VAL A 330 -2.26 -16.87 1.22
CA VAL A 330 -1.10 -16.90 0.32
C VAL A 330 -1.42 -17.77 -0.91
N ASP A 331 -2.03 -18.92 -0.68
CA ASP A 331 -2.43 -19.78 -1.80
C ASP A 331 -3.36 -19.05 -2.77
N GLN A 332 -4.21 -18.17 -2.23
CA GLN A 332 -5.18 -17.47 -3.07
C GLN A 332 -4.61 -16.17 -3.65
N ARG A 333 -3.30 -15.98 -3.45
CA ARG A 333 -2.52 -14.98 -4.16
C ARG A 333 -2.93 -13.53 -3.87
N VAL A 334 -3.29 -13.25 -2.62
CA VAL A 334 -3.67 -11.88 -2.24
C VAL A 334 -2.72 -11.26 -1.21
N GLN A 335 -1.76 -12.04 -0.73
CA GLN A 335 -0.69 -11.44 0.07
C GLN A 335 0.52 -12.36 0.18
N LEU A 336 1.63 -11.81 0.66
CA LEU A 336 2.78 -12.65 0.95
C LEU A 336 2.68 -13.07 2.42
N PRO A 337 3.38 -14.15 2.80
CA PRO A 337 3.23 -14.69 4.15
C PRO A 337 3.61 -13.71 5.27
N ASN A 338 2.80 -13.66 6.32
CA ASN A 338 3.13 -12.86 7.49
C ASN A 338 4.26 -13.48 8.30
N SER A 339 4.42 -14.80 8.20
CA SER A 339 5.54 -15.44 8.87
C SER A 339 6.81 -15.22 8.06
N VAL A 340 7.84 -14.68 8.72
CA VAL A 340 9.10 -14.38 8.04
C VAL A 340 9.75 -15.61 7.41
N LYS A 341 9.80 -16.70 8.14
CA LYS A 341 10.45 -17.90 7.61
C LYS A 341 9.67 -18.48 6.43
N VAL A 342 8.33 -18.44 6.52
CA VAL A 342 7.51 -18.92 5.43
C VAL A 342 7.69 -18.01 4.21
N ALA A 343 7.78 -16.70 4.44
CA ALA A 343 7.97 -15.77 3.34
C ALA A 343 9.30 -16.00 2.63
N GLU A 344 10.35 -16.29 3.40
CA GLU A 344 11.67 -16.49 2.83
C GLU A 344 11.71 -17.73 1.93
N GLU A 345 11.02 -18.79 2.34
CA GLU A 345 11.06 -19.96 1.49
C GLU A 345 10.08 -19.80 0.31
N TRP A 346 8.98 -19.07 0.52
CA TRP A 346 8.09 -18.66 -0.57
C TRP A 346 8.86 -17.95 -1.70
N ALA A 347 9.64 -16.94 -1.31
CA ALA A 347 10.38 -16.12 -2.28
C ALA A 347 11.37 -16.93 -3.10
N LYS A 348 11.86 -18.02 -2.52
CA LYS A 348 12.87 -18.84 -3.15
C LYS A 348 12.27 -19.97 -3.99
N ASP A 349 10.96 -20.14 -3.95
CA ASP A 349 10.31 -21.18 -4.75
C ASP A 349 10.15 -20.68 -6.18
N PRO A 350 10.92 -21.26 -7.12
CA PRO A 350 10.88 -20.73 -8.50
C PRO A 350 9.63 -21.13 -9.28
N SER A 351 8.80 -22.02 -8.73
CA SER A 351 7.58 -22.41 -9.43
C SER A 351 6.49 -21.35 -9.25
N ILE A 352 6.70 -20.46 -8.30
CA ILE A 352 5.78 -19.37 -7.98
C ILE A 352 6.34 -18.09 -8.56
N LYS A 353 5.58 -17.46 -9.46
CA LYS A 353 6.00 -16.24 -10.14
C LYS A 353 5.40 -14.99 -9.46
N PRO A 354 5.96 -13.79 -9.71
CA PRO A 354 7.14 -13.45 -10.55
C PRO A 354 8.43 -14.09 -10.06
N ALA A 355 9.39 -14.23 -10.97
CA ALA A 355 10.66 -14.86 -10.66
C ALA A 355 11.38 -14.13 -9.53
N ASN A 356 11.35 -12.80 -9.59
CA ASN A 356 11.99 -11.99 -8.57
C ASN A 356 11.03 -11.52 -7.46
N LYS A 357 10.22 -12.46 -6.95
CA LYS A 357 9.40 -12.28 -5.74
C LYS A 357 10.19 -11.67 -4.60
N GLN A 358 11.47 -12.05 -4.56
CA GLN A 358 12.38 -11.60 -3.55
C GLN A 358 12.38 -10.07 -3.41
N GLU A 359 12.10 -9.38 -4.51
CA GLU A 359 12.08 -7.91 -4.44
C GLU A 359 11.12 -7.41 -3.37
N PHE A 360 10.00 -8.12 -3.18
CA PHE A 360 9.02 -7.75 -2.14
C PHE A 360 9.69 -7.75 -0.76
N LEU A 361 10.51 -8.77 -0.51
CA LEU A 361 11.19 -8.90 0.77
C LEU A 361 12.32 -7.89 0.92
N ASP A 362 13.02 -7.61 -0.18
CA ASP A 362 14.02 -6.54 -0.20
C ASP A 362 13.38 -5.19 0.15
N ILE A 363 12.16 -4.94 -0.33
CA ILE A 363 11.46 -3.69 0.01
C ILE A 363 11.14 -3.64 1.51
N ILE A 364 10.63 -4.73 2.05
CA ILE A 364 10.32 -4.82 3.47
C ILE A 364 11.58 -4.64 4.33
N ASN A 365 12.64 -5.35 3.98
CA ASN A 365 13.83 -5.36 4.83
C ASN A 365 14.75 -4.16 4.64
N ASP A 366 14.73 -3.57 3.46
CA ASP A 366 15.72 -2.56 3.12
C ASP A 366 15.11 -1.21 2.76
N TYR A 367 14.58 -1.10 1.53
CA TYR A 367 14.37 0.25 1.00
C TYR A 367 12.92 0.73 0.99
N GLY A 368 12.06 0.06 1.74
CA GLY A 368 10.67 0.47 1.87
C GLY A 368 10.48 1.45 3.02
N HIS A 369 9.63 2.44 2.80
CA HIS A 369 9.31 3.46 3.80
C HIS A 369 7.83 3.43 4.17
N SER A 370 7.45 4.03 5.31
CA SER A 370 6.03 4.23 5.62
C SER A 370 5.47 5.47 4.93
N PHE A 371 4.15 5.48 4.68
CA PHE A 371 3.49 6.72 4.28
C PHE A 371 3.67 7.76 5.37
N PRO A 372 3.84 9.04 4.97
CA PRO A 372 4.08 10.11 5.94
C PRO A 372 2.97 10.20 6.97
N THR A 373 1.75 9.87 6.57
CA THR A 373 0.62 9.98 7.49
C THR A 373 0.67 8.93 8.60
N GLU A 374 1.55 7.94 8.46
CA GLU A 374 1.63 6.93 9.51
C GLU A 374 2.23 7.57 10.78
N TYR A 375 2.92 8.69 10.59
CA TYR A 375 3.61 9.38 11.67
C TYR A 375 2.78 10.47 12.33
N THR A 376 1.69 10.86 11.67
CA THR A 376 0.94 12.02 12.15
C THR A 376 -0.40 11.55 12.75
N TYR A 377 -1.02 12.41 13.56
CA TYR A 377 -2.23 12.02 14.28
C TYR A 377 -3.41 11.77 13.36
N ASN A 378 -3.51 12.53 12.27
CA ASN A 378 -4.45 12.21 11.20
C ASN A 378 -3.80 12.55 9.86
N GLY A 379 -4.46 12.21 8.76
CA GLY A 379 -3.88 12.39 7.44
C GLY A 379 -4.39 13.56 6.61
N GLU A 380 -5.18 14.45 7.20
CA GLU A 380 -5.85 15.49 6.43
C GLU A 380 -4.87 16.41 5.70
N TRP A 381 -3.75 16.72 6.34
CA TRP A 381 -2.74 17.59 5.75
C TRP A 381 -2.19 17.00 4.42
N TYR A 382 -2.08 15.68 4.39
CA TYR A 382 -1.56 14.97 3.23
C TYR A 382 -2.63 14.85 2.15
N ASP A 383 -3.86 14.57 2.56
CA ASP A 383 -4.98 14.53 1.62
C ASP A 383 -5.12 15.86 0.87
N GLU A 384 -4.85 16.97 1.56
CA GLU A 384 -4.96 18.28 0.93
C GLU A 384 -3.91 18.43 -0.19
N PHE A 385 -2.71 17.90 0.01
CA PHE A 385 -1.74 17.92 -1.09
C PHE A 385 -2.32 17.23 -2.35
N TYR A 386 -2.92 16.07 -2.19
CA TYR A 386 -3.37 15.32 -3.36
C TYR A 386 -4.66 15.84 -3.94
N ARG A 387 -5.48 16.46 -3.10
CA ARG A 387 -6.78 16.94 -3.53
C ARG A 387 -6.71 17.89 -4.73
N ASN A 388 -5.68 18.74 -4.78
CA ASN A 388 -5.59 19.73 -5.85
C ASN A 388 -4.35 19.55 -6.72
N LEU A 389 -3.87 18.32 -6.77
CA LEU A 389 -2.63 18.02 -7.49
C LEU A 389 -2.81 17.86 -9.00
N GLN A 390 -4.02 17.54 -9.47
CA GLN A 390 -4.16 17.13 -10.86
C GLN A 390 -3.71 18.20 -11.88
N PRO A 391 -3.95 19.50 -11.64
CA PRO A 391 -3.42 20.47 -12.61
C PRO A 391 -1.88 20.40 -12.81
N VAL A 392 -1.13 20.05 -11.78
CA VAL A 392 0.30 19.85 -11.97
C VAL A 392 0.53 18.65 -12.87
N LEU A 393 -0.18 17.58 -12.56
CA LEU A 393 0.00 16.34 -13.30
C LEU A 393 -0.37 16.52 -14.77
N ASP A 394 -1.35 17.39 -15.04
CA ASP A 394 -1.74 17.60 -16.43
C ASP A 394 -1.06 18.80 -17.11
N GLY A 395 -0.01 19.32 -16.49
CA GLY A 395 0.81 20.33 -17.13
C GLY A 395 0.24 21.74 -17.16
N LYS A 396 -0.75 22.00 -16.33
CA LYS A 396 -1.42 23.29 -16.34
C LYS A 396 -0.85 24.24 -15.29
N MET A 397 -0.12 23.67 -14.33
CA MET A 397 0.49 24.42 -13.25
C MET A 397 1.82 23.77 -12.94
N SER A 398 2.85 24.56 -12.68
CA SER A 398 4.15 23.99 -12.36
C SER A 398 4.15 23.37 -10.96
N ALA A 399 5.05 22.42 -10.74
CA ALA A 399 5.22 21.81 -9.42
C ALA A 399 5.57 22.92 -8.42
N GLU A 400 6.46 23.81 -8.84
CA GLU A 400 6.93 24.85 -7.94
C GLU A 400 5.81 25.77 -7.48
N GLU A 401 4.96 26.17 -8.41
CA GLU A 401 3.84 27.05 -8.06
C GLU A 401 2.83 26.35 -7.15
N TYR A 402 2.53 25.08 -7.44
CA TYR A 402 1.55 24.37 -6.62
C TYR A 402 1.99 24.14 -5.18
N VAL A 403 3.23 23.68 -4.97
CA VAL A 403 3.64 23.37 -3.59
C VAL A 403 3.72 24.63 -2.74
N LYS A 404 3.98 25.77 -3.36
CA LYS A 404 4.00 27.04 -2.65
C LYS A 404 2.60 27.41 -2.15
N LYS A 405 1.61 27.11 -2.97
CA LYS A 405 0.21 27.37 -2.64
C LYS A 405 -0.32 26.35 -1.64
N ALA A 406 0.06 25.09 -1.82
CA ALA A 406 -0.46 24.02 -0.97
C ALA A 406 0.16 24.05 0.43
N LYS A 407 1.44 24.42 0.52
CA LYS A 407 2.15 24.28 1.79
C LYS A 407 1.44 24.91 3.01
N PRO A 408 0.99 26.18 2.92
CA PRO A 408 0.36 26.72 4.13
C PRO A 408 -0.97 26.06 4.49
N LYS A 409 -1.71 25.59 3.50
CA LYS A 409 -2.95 24.88 3.76
C LYS A 409 -2.64 23.58 4.47
N MET A 410 -1.61 22.89 4.01
CA MET A 410 -1.20 21.64 4.62
C MET A 410 -0.70 21.86 6.05
N GLN A 411 0.12 22.89 6.22
CA GLN A 411 0.71 23.18 7.53
C GLN A 411 -0.36 23.46 8.57
N LYS A 412 -1.37 24.25 8.20
CA LYS A 412 -2.48 24.50 9.11
C LYS A 412 -3.14 23.21 9.57
N LEU A 413 -3.41 22.31 8.63
CA LEU A 413 -4.03 21.03 8.98
C LEU A 413 -3.12 20.17 9.86
N LEU A 414 -1.81 20.20 9.59
CA LEU A 414 -0.87 19.41 10.36
C LEU A 414 -0.78 19.96 11.79
N ASP A 415 -0.73 21.29 11.90
CA ASP A 415 -0.69 21.92 13.22
C ASP A 415 -1.91 21.51 14.02
N GLN A 416 -3.04 21.43 13.34
CA GLN A 416 -4.29 21.06 14.00
C GLN A 416 -4.27 19.60 14.41
N ALA A 417 -3.67 18.73 13.60
CA ALA A 417 -3.55 17.33 13.97
C ALA A 417 -2.72 17.21 15.25
N ILE A 418 -1.63 17.98 15.31
CA ILE A 418 -0.73 17.95 16.45
C ILE A 418 -1.43 18.47 17.71
N GLU A 419 -2.21 19.51 17.57
CA GLU A 419 -2.90 20.05 18.70
C GLU A 419 -4.01 19.11 19.16
N GLN A 420 -4.65 18.49 18.20
CA GLN A 420 -5.76 17.64 18.50
C GLN A 420 -5.33 16.44 19.26
N GLU A 421 -4.13 15.93 19.00
CA GLU A 421 -3.56 14.85 19.73
C GLU A 421 -3.31 15.25 21.16
N LYS A 422 -2.76 16.43 21.34
CA LYS A 422 -2.52 16.92 22.68
C LYS A 422 -3.81 16.94 23.49
N GLN A 423 -4.88 17.41 22.89
CA GLN A 423 -6.17 17.57 23.55
C GLN A 423 -6.84 16.23 23.83
N ALA A 424 -6.83 15.35 22.84
CA ALA A 424 -7.50 14.06 22.95
C ALA A 424 -6.76 13.11 23.89
N SER A 425 -5.46 13.32 24.05
CA SER A 425 -4.66 12.44 24.92
C SER A 425 -4.58 12.95 26.35
N LYS A 426 -5.33 14.00 26.67
CA LYS A 426 -5.38 14.52 28.03
C LYS A 426 -6.45 13.80 28.84
#